data_2BYD
#
_entry.id   2BYD
#
_cell.length_a   63.780
_cell.length_b   69.948
_cell.length_c   71.239
_cell.angle_alpha   90.00
_cell.angle_beta   90.00
_cell.angle_gamma   90.00
#
_symmetry.space_group_name_H-M   'P 21 21 21'
#
loop_
_entity.id
_entity.type
_entity.pdbx_description
1 polymer HSPC223
2 non-polymer 'BROMIDE ION'
3 water water
#
_entity_poly.entity_id   1
_entity_poly.type   'polypeptide(L)'
_entity_poly.pdbx_seq_one_letter_code
;MGSSHHHHHHHSSGRENLYFQGHMEGVRWAFSCGTWLPSRAEWLLAVRSIQPEEKERIGQFVFARDAKAAMAGRLMIRKL
VAEKLNIPWNHIRLQRTAKGKPVLAKDSSNPYPNFNFNISHQGDYAVLAAEPELQVGIDIMKTSFPGRGSIPEFFHIMKR
KFTNKEWETIRSFKDEWTQLDMFYRNWALKESFIKAIGVGLGFELQRLEFDLSPLNLDIGQVYKETRLFLDGEEEKEWAF
EESKIDEHHFVAVALRKPDGSRHQDVPSQDDSKPTQRQFTILNFNDLMSSAVPMTPEDPSFWDCFCFTEEIPIRNGTKSL
ESG
;
_entity_poly.pdbx_strand_id   A
#
loop_
_chem_comp.id
_chem_comp.type
_chem_comp.name
_chem_comp.formula
BR non-polymer 'BROMIDE ION' 'Br -1'
#
# COMPACT_ATOMS: atom_id res chain seq x y z
N LEU A 18 -31.40 4.51 -11.80
CA LEU A 18 -31.96 3.41 -12.68
C LEU A 18 -32.40 2.19 -11.88
N TYR A 19 -31.48 1.64 -11.09
CA TYR A 19 -31.79 0.50 -10.20
C TYR A 19 -31.60 0.88 -8.73
N PHE A 20 -32.25 0.11 -7.85
CA PHE A 20 -32.27 0.40 -6.41
C PHE A 20 -31.01 -0.17 -5.78
N GLN A 21 -29.95 0.64 -5.84
CA GLN A 21 -28.59 0.13 -5.87
C GLN A 21 -27.60 1.23 -5.55
N GLY A 22 -26.61 0.92 -4.72
CA GLY A 22 -25.51 1.85 -4.47
C GLY A 22 -24.51 1.83 -5.62
N HIS A 23 -23.68 2.86 -5.69
CA HIS A 23 -22.61 2.90 -6.69
CA HIS A 23 -22.62 2.92 -6.69
C HIS A 23 -21.25 3.02 -6.00
N MET A 24 -20.30 2.21 -6.46
CA MET A 24 -18.96 2.24 -5.90
C MET A 24 -18.30 3.60 -6.17
N GLU A 25 -17.66 4.14 -5.12
CA GLU A 25 -16.81 5.31 -5.24
C GLU A 25 -15.40 4.89 -4.86
N GLY A 26 -14.49 5.86 -4.85
CA GLY A 26 -13.12 5.60 -4.45
C GLY A 26 -13.05 5.06 -3.04
N VAL A 27 -12.10 4.18 -2.82
CA VAL A 27 -11.89 3.61 -1.50
C VAL A 27 -10.48 3.91 -1.06
N ARG A 28 -10.32 4.32 0.19
CA ARG A 28 -9.01 4.57 0.80
C ARG A 28 -9.03 4.00 2.21
N TRP A 29 -8.45 2.80 2.37
CA TRP A 29 -8.41 2.10 3.65
C TRP A 29 -6.99 1.87 4.16
N ALA A 30 -6.85 1.92 5.49
CA ALA A 30 -5.60 1.61 6.17
C ALA A 30 -5.84 0.68 7.36
N PHE A 31 -4.84 -0.12 7.67
CA PHE A 31 -4.95 -1.05 8.77
C PHE A 31 -3.61 -1.10 9.45
N SER A 32 -3.62 -0.91 10.76
CA SER A 32 -2.39 -0.97 11.55
C SER A 32 -2.04 -2.41 11.91
N CYS A 33 -1.43 -3.11 10.97
CA CYS A 33 -0.97 -4.49 11.23
C CYS A 33 0.12 -4.52 12.31
N GLY A 34 0.86 -3.42 12.40
CA GLY A 34 1.91 -3.24 13.39
C GLY A 34 1.45 -3.30 14.83
N THR A 35 0.20 -2.90 15.07
CA THR A 35 -0.36 -2.97 16.42
C THR A 35 -1.42 -4.04 16.56
N TRP A 36 -1.61 -4.84 15.51
CA TRP A 36 -2.61 -5.88 15.52
C TRP A 36 -2.05 -7.08 16.23
N LEU A 37 -2.76 -7.52 17.27
CA LEU A 37 -2.36 -8.68 18.09
C LEU A 37 -3.51 -9.68 18.18
N PRO A 38 -3.70 -10.47 17.12
CA PRO A 38 -4.78 -11.43 17.14
C PRO A 38 -4.55 -12.53 18.12
N SER A 39 -5.62 -13.02 18.72
CA SER A 39 -5.56 -14.28 19.42
C SER A 39 -5.17 -15.35 18.40
N ARG A 40 -4.75 -16.52 18.90
CA ARG A 40 -4.51 -17.66 18.04
C ARG A 40 -5.71 -17.98 17.15
N ALA A 41 -6.89 -18.04 17.74
CA ALA A 41 -8.11 -18.37 16.99
C ALA A 41 -8.38 -17.37 15.87
N GLU A 42 -8.09 -16.10 16.14
CA GLU A 42 -8.34 -15.03 15.18
C GLU A 42 -7.38 -15.09 14.01
N TRP A 43 -6.12 -15.44 14.32
CA TRP A 43 -5.11 -15.57 13.29
C TRP A 43 -5.46 -16.78 12.43
N LEU A 44 -5.80 -17.90 13.05
CA LEU A 44 -6.10 -19.11 12.29
C LEU A 44 -7.39 -18.98 11.49
N LEU A 45 -8.32 -18.13 11.93
CA LEU A 45 -9.54 -17.86 11.17
C LEU A 45 -9.25 -16.99 9.94
N ALA A 46 -8.43 -15.97 10.10
CA ALA A 46 -7.99 -15.14 8.97
C ALA A 46 -7.32 -16.01 7.89
N VAL A 47 -6.55 -16.99 8.36
CA VAL A 47 -5.85 -17.91 7.48
C VAL A 47 -6.84 -18.79 6.71
N ARG A 48 -7.90 -19.24 7.37
CA ARG A 48 -8.95 -20.01 6.72
C ARG A 48 -9.76 -19.24 5.67
N SER A 49 -9.78 -17.91 5.80
CA SER A 49 -10.69 -17.03 5.07
C SER A 49 -10.15 -16.50 3.75
N ILE A 50 -8.91 -16.90 3.45
CA ILE A 50 -8.26 -16.47 2.22
C ILE A 50 -8.10 -17.70 1.31
N GLN A 51 -7.65 -17.47 0.09
CA GLN A 51 -7.47 -18.52 -0.89
C GLN A 51 -6.26 -19.37 -0.52
N PRO A 52 -6.29 -20.69 -0.86
CA PRO A 52 -5.25 -21.63 -0.44
C PRO A 52 -3.82 -21.23 -0.87
N GLU A 53 -3.65 -20.80 -2.11
CA GLU A 53 -2.34 -20.41 -2.61
C GLU A 53 -1.86 -19.13 -1.94
N GLU A 54 -2.79 -18.34 -1.41
CA GLU A 54 -2.41 -17.12 -0.70
C GLU A 54 -1.98 -17.42 0.71
N LYS A 55 -2.69 -18.32 1.36
CA LYS A 55 -2.29 -18.87 2.66
C LYS A 55 -0.88 -19.46 2.54
N GLU A 56 -0.62 -20.15 1.45
CA GLU A 56 0.68 -20.75 1.20
C GLU A 56 1.76 -19.66 1.15
N ARG A 57 1.50 -18.53 0.48
CA ARG A 57 2.45 -17.42 0.45
C ARG A 57 2.71 -16.90 1.86
N ILE A 58 1.65 -16.76 2.65
CA ILE A 58 1.76 -16.19 3.98
C ILE A 58 2.62 -17.10 4.84
N GLY A 59 2.49 -18.40 4.63
CA GLY A 59 3.32 -19.37 5.33
C GLY A 59 4.81 -19.28 5.01
N GLN A 60 5.17 -18.60 3.92
CA GLN A 60 6.57 -18.51 3.54
CA GLN A 60 6.56 -18.48 3.51
C GLN A 60 7.32 -17.43 4.30
N PHE A 61 6.61 -16.46 4.87
CA PHE A 61 7.24 -15.37 5.62
C PHE A 61 7.98 -15.86 6.88
N VAL A 62 9.06 -15.18 7.21
CA VAL A 62 9.86 -15.54 8.38
C VAL A 62 9.31 -14.85 9.61
N PHE A 63 9.00 -13.57 9.50
CA PHE A 63 8.59 -12.80 10.65
C PHE A 63 7.10 -12.60 10.67
N ALA A 64 6.57 -12.59 11.89
CA ALA A 64 5.15 -12.46 12.14
C ALA A 64 4.64 -11.17 11.54
N ARG A 65 5.45 -10.11 11.60
CA ARG A 65 5.00 -8.82 11.17
C ARG A 65 4.78 -8.77 9.67
N ASP A 66 5.51 -9.62 8.93
CA ASP A 66 5.38 -9.64 7.48
C ASP A 66 4.18 -10.48 7.06
N ALA A 67 3.94 -11.57 7.79
CA ALA A 67 2.75 -12.38 7.63
C ALA A 67 1.51 -11.55 7.94
N LYS A 68 1.53 -10.87 9.07
CA LYS A 68 0.40 -9.99 9.45
C LYS A 68 0.08 -8.94 8.40
N ALA A 69 1.11 -8.32 7.83
CA ALA A 69 0.90 -7.32 6.79
C ALA A 69 0.33 -7.90 5.50
N ALA A 70 0.87 -9.04 5.08
CA ALA A 70 0.38 -9.75 3.90
C ALA A 70 -1.08 -10.18 4.10
N MET A 71 -1.38 -10.74 5.27
CA MET A 71 -2.74 -11.08 5.63
C MET A 71 -3.69 -9.91 5.52
N ALA A 72 -3.28 -8.75 6.06
CA ALA A 72 -4.11 -7.56 6.09
C ALA A 72 -4.52 -7.19 4.69
N GLY A 73 -3.55 -7.17 3.78
CA GLY A 73 -3.77 -6.81 2.40
C GLY A 73 -4.77 -7.76 1.76
N ARG A 74 -4.65 -9.06 2.05
CA ARG A 74 -5.55 -10.07 1.47
C ARG A 74 -6.99 -9.83 1.92
N LEU A 75 -7.17 -9.65 3.22
CA LEU A 75 -8.49 -9.37 3.81
C LEU A 75 -9.14 -8.08 3.35
N MET A 76 -8.33 -7.04 3.16
CA MET A 76 -8.84 -5.78 2.70
C MET A 76 -9.34 -5.88 1.26
N ILE A 77 -8.67 -6.69 0.46
CA ILE A 77 -9.08 -6.86 -0.94
C ILE A 77 -10.40 -7.63 -0.99
N ARG A 78 -10.49 -8.72 -0.25
CA ARG A 78 -11.72 -9.50 -0.22
C ARG A 78 -12.87 -8.68 0.35
N LYS A 79 -12.59 -7.89 1.39
CA LYS A 79 -13.61 -7.00 1.94
C LYS A 79 -14.08 -6.00 0.87
N LEU A 80 -13.12 -5.40 0.16
CA LEU A 80 -13.40 -4.47 -0.92
C LEU A 80 -14.33 -5.06 -1.97
N VAL A 81 -13.98 -6.24 -2.44
CA VAL A 81 -14.73 -6.89 -3.52
C VAL A 81 -16.12 -7.32 -3.04
N ALA A 82 -16.16 -7.91 -1.86
CA ALA A 82 -17.42 -8.36 -1.29
C ALA A 82 -18.37 -7.19 -1.09
N GLU A 83 -17.88 -6.14 -0.48
CA GLU A 83 -18.75 -5.10 0.01
C GLU A 83 -19.03 -4.04 -1.03
N LYS A 84 -18.14 -3.90 -2.00
CA LYS A 84 -18.30 -2.89 -3.06
C LYS A 84 -18.75 -3.50 -4.39
N LEU A 85 -18.42 -4.76 -4.68
CA LEU A 85 -18.96 -5.40 -5.88
C LEU A 85 -20.05 -6.43 -5.59
N ASN A 86 -20.31 -6.69 -4.30
CA ASN A 86 -21.37 -7.60 -3.89
CA ASN A 86 -21.40 -7.59 -3.89
C ASN A 86 -21.18 -9.01 -4.43
N ILE A 87 -19.93 -9.46 -4.43
CA ILE A 87 -19.62 -10.84 -4.77
C ILE A 87 -19.50 -11.59 -3.45
N PRO A 88 -20.23 -12.71 -3.28
CA PRO A 88 -20.04 -13.40 -2.02
C PRO A 88 -18.56 -13.73 -1.80
N TRP A 89 -18.13 -13.64 -0.55
CA TRP A 89 -16.73 -13.80 -0.16
C TRP A 89 -16.17 -15.12 -0.64
N ASN A 90 -16.96 -16.17 -0.48
CA ASN A 90 -16.57 -17.51 -0.86
C ASN A 90 -16.55 -17.73 -2.38
N HIS A 91 -17.10 -16.78 -3.14
CA HIS A 91 -17.06 -16.75 -4.61
C HIS A 91 -16.04 -15.78 -5.21
N ILE A 92 -15.41 -14.94 -4.39
CA ILE A 92 -14.36 -14.06 -4.89
C ILE A 92 -13.17 -14.88 -5.37
N ARG A 93 -12.76 -14.65 -6.62
CA ARG A 93 -11.64 -15.33 -7.25
C ARG A 93 -10.60 -14.30 -7.65
N LEU A 94 -9.59 -14.15 -6.80
CA LEU A 94 -8.49 -13.25 -7.07
C LEU A 94 -7.36 -14.04 -7.71
N GLN A 95 -6.54 -13.35 -8.48
CA GLN A 95 -5.45 -13.96 -9.21
C GLN A 95 -4.28 -13.01 -9.15
N ARG A 96 -3.14 -13.43 -9.70
CA ARG A 96 -2.00 -12.56 -9.83
C ARG A 96 -1.50 -12.48 -11.26
N THR A 97 -1.10 -11.28 -11.69
CA THR A 97 -0.40 -11.13 -12.95
C THR A 97 0.89 -11.96 -12.90
N ALA A 98 1.48 -12.24 -14.05
CA ALA A 98 2.76 -12.94 -14.09
C ALA A 98 3.81 -12.13 -13.34
N LYS A 99 3.61 -10.81 -13.27
CA LYS A 99 4.48 -9.95 -12.45
C LYS A 99 4.17 -10.02 -10.94
N GLY A 100 3.07 -10.69 -10.57
CA GLY A 100 2.70 -10.87 -9.18
C GLY A 100 1.59 -9.98 -8.66
N LYS A 101 1.12 -9.01 -9.45
CA LYS A 101 0.12 -8.07 -8.96
C LYS A 101 -1.24 -8.71 -8.82
N PRO A 102 -1.86 -8.61 -7.63
CA PRO A 102 -3.21 -9.11 -7.43
C PRO A 102 -4.26 -8.40 -8.28
N VAL A 103 -5.10 -9.20 -8.91
CA VAL A 103 -6.19 -8.71 -9.75
C VAL A 103 -7.43 -9.54 -9.53
N LEU A 104 -8.57 -8.98 -9.90
CA LEU A 104 -9.85 -9.69 -9.86
C LEU A 104 -9.99 -10.45 -11.17
N ALA A 105 -10.43 -11.70 -11.09
CA ALA A 105 -10.74 -12.48 -12.28
C ALA A 105 -11.69 -11.73 -13.20
N LYS A 106 -11.44 -11.81 -14.51
CA LYS A 106 -12.29 -11.10 -15.49
C LYS A 106 -13.70 -11.69 -15.54
N ASP A 107 -13.82 -13.02 -15.48
CA ASP A 107 -15.14 -13.68 -15.38
C ASP A 107 -15.89 -13.08 -14.20
N SER A 108 -16.82 -12.18 -14.52
CA SER A 108 -17.04 -10.98 -13.71
C SER A 108 -17.85 -11.12 -12.40
N SER A 109 -19.18 -11.09 -12.53
CA SER A 109 -20.08 -10.60 -11.46
C SER A 109 -19.71 -9.14 -11.16
N ASN A 110 -19.39 -8.40 -12.23
CA ASN A 110 -18.75 -7.10 -12.13
C ASN A 110 -19.22 -6.11 -13.20
N PRO A 111 -20.04 -5.11 -12.79
CA PRO A 111 -20.58 -4.07 -13.67
C PRO A 111 -19.61 -2.92 -13.91
N TYR A 112 -18.46 -2.96 -13.23
CA TYR A 112 -17.41 -1.99 -13.42
C TYR A 112 -16.26 -2.66 -14.18
N PRO A 113 -16.20 -2.44 -15.52
CA PRO A 113 -15.10 -2.93 -16.34
C PRO A 113 -13.74 -2.40 -15.88
N ASN A 114 -13.73 -1.11 -15.53
CA ASN A 114 -12.50 -0.41 -15.18
C ASN A 114 -12.22 -0.43 -13.67
N PHE A 115 -12.91 -1.29 -12.92
CA PHE A 115 -12.61 -1.53 -11.50
C PHE A 115 -11.18 -1.97 -11.35
N ASN A 116 -10.48 -1.33 -10.41
CA ASN A 116 -9.13 -1.75 -10.06
C ASN A 116 -8.77 -1.32 -8.65
N PHE A 117 -7.78 -2.02 -8.10
CA PHE A 117 -7.32 -1.74 -6.76
C PHE A 117 -5.81 -1.91 -6.69
N ASN A 118 -5.23 -1.37 -5.63
CA ASN A 118 -3.82 -1.55 -5.38
C ASN A 118 -3.61 -1.56 -3.88
N ILE A 119 -2.54 -2.21 -3.43
CA ILE A 119 -2.20 -2.25 -2.02
C ILE A 119 -0.71 -2.05 -1.81
N SER A 120 -0.38 -1.67 -0.57
CA SER A 120 1.00 -1.44 -0.17
C SER A 120 1.10 -1.59 1.33
N HIS A 121 2.32 -1.75 1.81
CA HIS A 121 2.54 -1.89 3.25
C HIS A 121 3.96 -1.48 3.54
N GLN A 122 4.12 -0.89 4.72
CA GLN A 122 5.42 -0.57 5.28
C GLN A 122 5.24 -0.06 6.70
N GLY A 123 6.23 -0.31 7.55
CA GLY A 123 6.14 0.10 8.93
C GLY A 123 4.96 -0.61 9.58
N ASP A 124 4.09 0.17 10.19
CA ASP A 124 2.97 -0.40 10.96
C ASP A 124 1.70 -0.59 10.15
N TYR A 125 1.69 -0.16 8.89
CA TYR A 125 0.45 -0.03 8.14
C TYR A 125 0.40 -0.80 6.83
N ALA A 126 -0.77 -1.37 6.57
CA ALA A 126 -1.14 -1.84 5.24
C ALA A 126 -2.21 -0.92 4.73
N VAL A 127 -2.18 -0.61 3.44
CA VAL A 127 -3.11 0.34 2.87
C VAL A 127 -3.68 -0.18 1.55
N LEU A 128 -4.90 0.24 1.25
CA LEU A 128 -5.57 -0.12 0.01
C LEU A 128 -6.20 1.10 -0.59
N ALA A 129 -6.02 1.25 -1.91
CA ALA A 129 -6.80 2.18 -2.72
C ALA A 129 -7.56 1.41 -3.79
N ALA A 130 -8.83 1.76 -4.03
CA ALA A 130 -9.60 1.19 -5.14
C ALA A 130 -10.44 2.26 -5.84
N GLU A 131 -10.73 2.02 -7.12
CA GLU A 131 -11.50 2.94 -7.91
C GLU A 131 -12.42 2.17 -8.87
N PRO A 132 -13.66 2.66 -9.08
CA PRO A 132 -14.52 2.09 -10.13
C PRO A 132 -14.05 2.31 -11.56
N GLU A 133 -13.42 3.46 -11.85
CA GLU A 133 -13.00 3.75 -13.22
C GLU A 133 -11.55 4.25 -13.40
N LEU A 134 -11.03 5.05 -12.48
CA LEU A 134 -9.67 5.54 -12.63
C LEU A 134 -8.64 4.47 -12.31
N GLN A 135 -7.57 4.46 -13.10
CA GLN A 135 -6.40 3.61 -12.88
C GLN A 135 -5.73 4.10 -11.60
N VAL A 136 -5.41 3.17 -10.71
CA VAL A 136 -4.91 3.57 -9.39
C VAL A 136 -3.65 2.81 -8.96
N GLY A 137 -2.73 3.55 -8.34
CA GLY A 137 -1.54 2.98 -7.70
C GLY A 137 -1.40 3.52 -6.29
N ILE A 138 -0.83 2.73 -5.38
CA ILE A 138 -0.62 3.19 -4.00
C ILE A 138 0.75 2.77 -3.48
N ASP A 139 1.39 3.64 -2.71
CA ASP A 139 2.57 3.23 -1.94
C ASP A 139 2.65 3.98 -0.62
N ILE A 140 3.08 3.28 0.41
CA ILE A 140 3.26 3.86 1.73
C ILE A 140 4.73 3.69 2.10
N MET A 141 5.30 4.69 2.75
CA MET A 141 6.60 4.55 3.35
C MET A 141 6.71 5.19 4.73
N LYS A 142 7.46 4.50 5.58
CA LYS A 142 7.83 4.96 6.92
C LYS A 142 9.19 5.65 6.91
N THR A 143 9.22 6.90 7.36
CA THR A 143 10.48 7.59 7.65
C THR A 143 11.18 7.02 8.88
N SER A 144 12.40 6.54 8.67
CA SER A 144 13.23 6.03 9.75
C SER A 144 14.71 6.27 9.42
N PHE A 145 15.52 6.37 10.46
CA PHE A 145 16.94 6.62 10.32
C PHE A 145 17.56 5.41 9.65
N PRO A 146 18.50 5.62 8.69
CA PRO A 146 19.20 4.52 8.03
C PRO A 146 19.69 3.38 8.97
N GLY A 147 19.61 2.14 8.49
CA GLY A 147 20.07 0.98 9.25
C GLY A 147 21.58 0.91 9.37
N ARG A 148 22.25 1.44 8.38
CA ARG A 148 23.71 1.48 8.34
C ARG A 148 24.07 2.84 7.75
N GLY A 149 25.22 3.38 8.14
CA GLY A 149 25.73 4.66 7.61
C GLY A 149 24.93 5.89 7.99
N SER A 150 25.31 7.05 7.44
CA SER A 150 24.66 8.33 7.74
C SER A 150 23.53 8.66 6.76
N ILE A 151 22.83 9.78 6.97
CA ILE A 151 21.75 10.21 6.06
C ILE A 151 22.35 10.72 4.75
N PRO A 152 23.38 11.57 4.81
CA PRO A 152 24.06 11.93 3.56
C PRO A 152 24.58 10.73 2.76
N GLU A 153 25.12 9.73 3.45
CA GLU A 153 25.57 8.50 2.79
C GLU A 153 24.40 7.74 2.15
N PHE A 154 23.24 7.78 2.80
CA PHE A 154 22.01 7.20 2.26
C PHE A 154 21.54 7.95 1.03
N PHE A 155 21.57 9.28 1.07
CA PHE A 155 21.21 10.04 -0.11
C PHE A 155 22.15 9.74 -1.27
N HIS A 156 23.41 9.45 -0.97
CA HIS A 156 24.37 9.17 -2.02
C HIS A 156 24.06 7.81 -2.66
N ILE A 157 23.83 6.78 -1.86
CA ILE A 157 23.34 5.49 -2.38
C ILE A 157 22.10 5.65 -3.27
N MET A 158 21.21 6.56 -2.89
CA MET A 158 19.91 6.72 -3.57
C MET A 158 19.96 7.80 -4.63
N LYS A 159 21.13 8.39 -4.82
CA LYS A 159 21.29 9.57 -5.68
C LYS A 159 20.70 9.41 -7.08
N ARG A 160 20.87 8.23 -7.68
CA ARG A 160 20.49 8.07 -9.11
C ARG A 160 18.98 8.05 -9.36
N LYS A 161 18.20 7.93 -8.30
CA LYS A 161 16.77 7.79 -8.39
C LYS A 161 15.97 9.09 -8.34
N PHE A 162 16.63 10.21 -8.04
CA PHE A 162 15.96 11.51 -8.00
C PHE A 162 16.71 12.55 -8.80
N THR A 163 15.97 13.52 -9.33
CA THR A 163 16.53 14.46 -10.27
C THR A 163 17.23 15.58 -9.52
N ASN A 164 17.88 16.48 -10.26
CA ASN A 164 18.52 17.60 -9.64
C ASN A 164 17.52 18.46 -8.88
N LYS A 165 16.41 18.82 -9.52
CA LYS A 165 15.38 19.66 -8.87
C LYS A 165 14.76 18.96 -7.65
N GLU A 166 14.50 17.66 -7.76
CA GLU A 166 13.97 16.91 -6.60
C GLU A 166 14.93 16.96 -5.41
N TRP A 167 16.23 16.72 -5.65
CA TRP A 167 17.26 16.74 -4.61
C TRP A 167 17.42 18.14 -3.98
N GLU A 168 17.38 19.18 -4.80
CA GLU A 168 17.46 20.56 -4.30
C GLU A 168 16.31 20.84 -3.34
N THR A 169 15.12 20.39 -3.72
CA THR A 169 13.95 20.50 -2.86
C THR A 169 14.11 19.62 -1.60
N ILE A 170 14.58 18.40 -1.76
CA ILE A 170 14.84 17.55 -0.60
C ILE A 170 15.82 18.24 0.35
N ARG A 171 16.96 18.70 -0.16
CA ARG A 171 17.98 19.34 0.67
C ARG A 171 17.73 20.80 1.10
N SER A 172 16.63 21.39 0.66
CA SER A 172 16.33 22.78 0.97
C SER A 172 16.06 23.04 2.45
N PHE A 173 15.73 21.99 3.18
CA PHE A 173 15.42 22.10 4.62
C PHE A 173 16.68 22.06 5.44
N LYS A 174 16.63 22.61 6.65
CA LYS A 174 17.85 22.82 7.46
C LYS A 174 18.24 21.56 8.20
N ASP A 175 17.25 20.88 8.78
CA ASP A 175 17.53 19.61 9.46
C ASP A 175 17.43 18.39 8.54
N GLU A 176 18.33 17.44 8.76
CA GLU A 176 18.39 16.23 7.95
C GLU A 176 17.21 15.30 8.14
N TRP A 177 16.50 15.42 9.27
CA TRP A 177 15.28 14.61 9.47
C TRP A 177 14.18 15.08 8.50
N THR A 178 14.01 16.38 8.35
CA THR A 178 12.97 16.89 7.47
C THR A 178 13.30 16.51 6.02
N GLN A 179 14.59 16.58 5.70
CA GLN A 179 15.13 16.12 4.42
C GLN A 179 14.83 14.64 4.18
N LEU A 180 15.12 13.81 5.17
CA LEU A 180 14.84 12.37 5.08
C LEU A 180 13.33 12.12 4.89
N ASP A 181 12.52 12.90 5.60
CA ASP A 181 11.07 12.85 5.45
C ASP A 181 10.59 13.18 4.03
N MET A 182 11.10 14.28 3.49
CA MET A 182 10.81 14.73 2.14
C MET A 182 11.31 13.74 1.07
N PHE A 183 12.45 13.10 1.34
CA PHE A 183 12.97 12.07 0.48
C PHE A 183 12.01 10.87 0.39
N TYR A 184 11.61 10.32 1.53
CA TYR A 184 10.62 9.24 1.53
C TYR A 184 9.28 9.58 0.85
N ARG A 185 8.85 10.82 0.98
CA ARG A 185 7.67 11.31 0.31
C ARG A 185 7.86 11.21 -1.22
N ASN A 186 8.95 11.79 -1.70
CA ASN A 186 9.31 11.74 -3.11
C ASN A 186 9.40 10.30 -3.61
N TRP A 187 9.96 9.42 -2.78
CA TRP A 187 10.13 8.02 -3.18
C TRP A 187 8.78 7.30 -3.25
N ALA A 188 7.90 7.57 -2.28
CA ALA A 188 6.54 7.04 -2.32
C ALA A 188 5.75 7.54 -3.53
N LEU A 189 5.87 8.80 -3.88
CA LEU A 189 5.26 9.25 -5.12
C LEU A 189 5.67 8.41 -6.35
N LYS A 190 6.96 8.13 -6.48
CA LYS A 190 7.46 7.44 -7.66
C LYS A 190 6.93 6.03 -7.69
N GLU A 191 6.97 5.37 -6.54
CA GLU A 191 6.45 4.02 -6.45
C GLU A 191 4.95 3.93 -6.71
N SER A 192 4.20 4.94 -6.28
CA SER A 192 2.76 4.97 -6.53
C SER A 192 2.48 4.94 -8.04
N PHE A 193 3.23 5.74 -8.80
CA PHE A 193 3.10 5.75 -10.26
C PHE A 193 3.52 4.40 -10.88
N ILE A 194 4.66 3.89 -10.43
CA ILE A 194 5.23 2.66 -10.97
C ILE A 194 4.23 1.55 -10.74
N LYS A 195 3.66 1.53 -9.55
CA LYS A 195 2.68 0.50 -9.22
C LYS A 195 1.36 0.67 -10.00
N ALA A 196 0.98 1.92 -10.28
CA ALA A 196 -0.22 2.19 -11.09
C ALA A 196 -0.11 1.67 -12.53
N ILE A 197 1.05 1.86 -13.15
CA ILE A 197 1.22 1.50 -14.57
C ILE A 197 1.77 0.09 -14.81
N GLY A 198 2.19 -0.58 -13.75
CA GLY A 198 2.62 -1.98 -13.84
C GLY A 198 4.02 -2.27 -14.36
N VAL A 199 4.91 -1.27 -14.34
CA VAL A 199 6.24 -1.42 -14.95
C VAL A 199 7.28 -2.13 -14.09
N GLY A 200 7.11 -2.07 -12.77
CA GLY A 200 7.97 -2.82 -11.85
C GLY A 200 9.41 -2.33 -11.71
N LEU A 201 10.34 -3.28 -11.79
CA LEU A 201 11.68 -3.13 -11.20
C LEU A 201 12.70 -2.44 -12.10
N GLY A 202 12.62 -2.66 -13.40
CA GLY A 202 13.59 -2.11 -14.34
C GLY A 202 13.35 -0.68 -14.77
N PHE A 203 12.30 -0.04 -14.24
CA PHE A 203 11.94 1.33 -14.61
C PHE A 203 12.92 2.35 -14.00
N GLU A 204 13.43 3.25 -14.84
CA GLU A 204 14.41 4.23 -14.39
C GLU A 204 13.70 5.39 -13.68
N LEU A 205 13.89 5.49 -12.37
CA LEU A 205 13.26 6.52 -11.57
C LEU A 205 13.69 7.93 -11.96
N GLN A 206 14.88 8.06 -12.51
CA GLN A 206 15.35 9.34 -13.00
C GLN A 206 14.38 9.98 -14.01
N ARG A 207 13.66 9.14 -14.73
CA ARG A 207 12.63 9.58 -15.69
C ARG A 207 11.45 10.28 -15.06
N LEU A 208 11.22 10.06 -13.76
CA LEU A 208 10.12 10.69 -13.01
C LEU A 208 10.68 11.86 -12.23
N GLU A 209 10.07 13.02 -12.42
CA GLU A 209 10.33 14.21 -11.64
C GLU A 209 9.04 14.72 -11.03
N PHE A 210 8.95 14.70 -9.70
CA PHE A 210 7.77 15.27 -9.00
C PHE A 210 8.01 16.70 -8.51
N ASP A 211 7.05 17.59 -8.75
CA ASP A 211 7.03 18.90 -8.08
C ASP A 211 6.07 18.83 -6.88
N LEU A 212 6.66 18.63 -5.69
CA LEU A 212 5.94 18.48 -4.43
C LEU A 212 5.28 19.77 -3.96
N SER A 213 3.96 19.75 -3.82
CA SER A 213 3.19 20.86 -3.28
C SER A 213 2.04 20.34 -2.42
N PRO A 214 1.85 20.90 -1.20
CA PRO A 214 2.66 21.92 -0.54
C PRO A 214 3.83 21.26 0.19
N LEU A 215 4.82 22.05 0.57
CA LEU A 215 6.05 21.52 1.16
C LEU A 215 5.86 20.84 2.51
N ASN A 216 4.81 21.22 3.23
CA ASN A 216 4.57 20.66 4.56
C ASN A 216 3.16 20.10 4.63
N LEU A 217 3.02 18.87 5.12
CA LEU A 217 1.73 18.19 5.21
C LEU A 217 1.29 18.03 6.68
N ASP A 218 0.00 18.27 6.94
CA ASP A 218 -0.62 17.99 8.25
C ASP A 218 -1.06 16.53 8.33
N ILE A 219 -0.90 15.92 9.50
CA ILE A 219 -1.27 14.52 9.67
C ILE A 219 -2.76 14.34 9.43
N GLY A 220 -3.12 13.31 8.67
CA GLY A 220 -4.52 12.98 8.42
C GLY A 220 -5.12 13.58 7.16
N GLN A 221 -4.76 14.83 6.85
CA GLN A 221 -5.29 15.52 5.66
C GLN A 221 -4.73 14.99 4.35
N VAL A 222 -5.49 15.20 3.27
CA VAL A 222 -5.14 14.73 1.95
C VAL A 222 -4.83 15.91 1.06
N TYR A 223 -3.73 15.82 0.34
CA TYR A 223 -3.29 16.89 -0.56
C TYR A 223 -3.25 16.36 -1.99
N LYS A 224 -3.57 17.24 -2.93
CA LYS A 224 -3.75 16.86 -4.33
CA LYS A 224 -3.70 16.84 -4.34
C LYS A 224 -3.13 17.92 -5.25
N GLU A 225 -1.97 18.49 -4.86
CA GLU A 225 -1.36 19.56 -5.64
CA GLU A 225 -1.35 19.57 -5.63
C GLU A 225 -0.03 19.16 -6.30
N THR A 226 0.51 18.02 -5.89
CA THR A 226 1.77 17.56 -6.47
C THR A 226 1.59 17.14 -7.93
N ARG A 227 2.54 17.55 -8.77
CA ARG A 227 2.54 17.20 -10.18
C ARG A 227 3.74 16.32 -10.58
N LEU A 228 3.53 15.51 -11.62
CA LEU A 228 4.55 14.63 -12.18
C LEU A 228 4.95 15.11 -13.55
N PHE A 229 6.27 15.14 -13.79
CA PHE A 229 6.82 15.33 -15.13
C PHE A 229 7.50 14.01 -15.54
N LEU A 230 7.05 13.42 -16.65
CA LEU A 230 7.64 12.17 -17.13
C LEU A 230 8.48 12.51 -18.34
N ASP A 231 9.74 12.09 -18.35
CA ASP A 231 10.64 12.40 -19.45
C ASP A 231 10.59 13.90 -19.84
N GLY A 232 10.43 14.76 -18.83
CA GLY A 232 10.49 16.22 -19.04
C GLY A 232 9.20 16.92 -19.46
N GLU A 233 8.10 16.17 -19.54
CA GLU A 233 6.80 16.73 -19.88
C GLU A 233 5.79 16.42 -18.77
N GLU A 234 5.05 17.45 -18.36
CA GLU A 234 3.99 17.32 -17.40
C GLU A 234 2.96 16.29 -17.83
N GLU A 235 2.74 15.32 -16.97
CA GLU A 235 1.66 14.34 -17.13
C GLU A 235 0.37 14.88 -16.55
N LYS A 236 -0.37 15.67 -17.34
CA LYS A 236 -1.57 16.32 -16.84
C LYS A 236 -2.73 15.34 -16.58
N GLU A 237 -2.64 14.13 -17.14
CA GLU A 237 -3.68 13.11 -16.92
C GLU A 237 -3.51 12.33 -15.62
N TRP A 238 -2.41 12.59 -14.90
CA TRP A 238 -2.17 11.95 -13.63
C TRP A 238 -2.32 12.94 -12.49
N ALA A 239 -3.04 12.52 -11.46
CA ALA A 239 -3.11 13.24 -10.22
C ALA A 239 -2.54 12.38 -9.11
N PHE A 240 -2.15 13.05 -8.03
CA PHE A 240 -1.52 12.37 -6.88
C PHE A 240 -2.10 12.86 -5.57
N GLU A 241 -2.60 11.93 -4.78
CA GLU A 241 -3.16 12.23 -3.47
C GLU A 241 -2.15 11.84 -2.43
N GLU A 242 -1.78 12.81 -1.57
CA GLU A 242 -0.75 12.60 -0.55
C GLU A 242 -1.32 12.74 0.87
N SER A 243 -1.06 11.75 1.73
CA SER A 243 -1.50 11.77 3.13
C SER A 243 -0.43 11.23 4.05
N LYS A 244 -0.17 11.97 5.13
CA LYS A 244 0.58 11.46 6.26
C LYS A 244 -0.43 10.80 7.16
N ILE A 245 -0.36 9.48 7.33
CA ILE A 245 -1.42 8.83 8.10
C ILE A 245 -1.14 8.91 9.60
N ASP A 246 0.13 8.92 9.96
CA ASP A 246 0.56 9.36 11.26
C ASP A 246 1.85 10.14 11.04
N GLU A 247 2.62 10.40 12.09
CA GLU A 247 3.77 11.31 11.95
C GLU A 247 4.92 10.70 11.15
N HIS A 248 4.92 9.38 11.02
CA HIS A 248 6.06 8.66 10.45
C HIS A 248 5.71 7.87 9.16
N HIS A 249 4.45 7.82 8.77
CA HIS A 249 4.03 7.09 7.57
C HIS A 249 3.38 8.01 6.58
N PHE A 250 3.87 7.93 5.35
CA PHE A 250 3.36 8.75 4.27
C PHE A 250 2.77 7.83 3.22
N VAL A 251 1.60 8.19 2.69
CA VAL A 251 0.97 7.42 1.63
C VAL A 251 0.76 8.31 0.41
N ALA A 252 1.04 7.75 -0.77
CA ALA A 252 0.83 8.41 -2.06
C ALA A 252 -0.08 7.50 -2.87
N VAL A 253 -1.10 8.08 -3.48
CA VAL A 253 -1.99 7.34 -4.34
C VAL A 253 -1.89 8.03 -5.69
N ALA A 254 -1.64 7.26 -6.75
CA ALA A 254 -1.53 7.79 -8.12
C ALA A 254 -2.80 7.43 -8.89
N LEU A 255 -3.34 8.38 -9.65
CA LEU A 255 -4.63 8.23 -10.32
C LEU A 255 -4.64 8.72 -11.76
N ARG A 256 -4.98 7.85 -12.71
CA ARG A 256 -5.14 8.26 -14.13
C ARG A 256 -6.57 8.19 -14.63
N LYS A 257 -6.92 9.20 -15.44
CA LYS A 257 -8.27 9.39 -15.96
C LYS A 257 -8.47 8.60 -17.25
N GLN A 276 -14.49 12.41 0.48
CA GLN A 276 -13.59 12.22 -0.67
C GLN A 276 -12.44 11.22 -0.36
N ARG A 277 -11.25 11.72 -0.03
CA ARG A 277 -10.05 10.92 -0.13
C ARG A 277 -9.32 10.58 1.16
N GLN A 278 -9.86 10.94 2.33
CA GLN A 278 -9.13 10.61 3.58
C GLN A 278 -9.17 9.12 3.82
N PHE A 279 -8.05 8.58 4.32
CA PHE A 279 -7.97 7.17 4.68
C PHE A 279 -8.83 6.91 5.89
N THR A 280 -9.47 5.74 5.86
CA THR A 280 -10.24 5.22 6.98
C THR A 280 -9.44 4.05 7.57
N ILE A 281 -9.21 4.10 8.88
CA ILE A 281 -8.41 3.10 9.53
C ILE A 281 -9.37 2.01 10.00
N LEU A 282 -9.13 0.79 9.54
CA LEU A 282 -9.97 -0.32 9.87
C LEU A 282 -9.34 -1.12 11.01
N ASN A 283 -10.18 -1.87 11.72
CA ASN A 283 -9.65 -2.87 12.62
C ASN A 283 -9.94 -4.30 12.10
N PHE A 284 -9.53 -5.31 12.85
CA PHE A 284 -9.70 -6.68 12.41
C PHE A 284 -11.17 -7.09 12.24
N ASN A 285 -12.06 -6.60 13.08
CA ASN A 285 -13.49 -6.91 12.94
C ASN A 285 -13.99 -6.40 11.62
N ASP A 286 -13.56 -5.19 11.26
CA ASP A 286 -13.90 -4.60 9.98
C ASP A 286 -13.43 -5.46 8.81
N LEU A 287 -12.18 -5.94 8.88
CA LEU A 287 -11.63 -6.80 7.86
C LEU A 287 -12.44 -8.10 7.74
N MET A 288 -12.86 -8.61 8.89
CA MET A 288 -13.66 -9.83 8.94
C MET A 288 -15.18 -9.67 8.74
N SER A 289 -15.64 -8.48 8.38
CA SER A 289 -17.09 -8.24 8.30
C SER A 289 -17.83 -9.20 7.33
N SER A 290 -17.27 -9.44 6.15
CA SER A 290 -17.88 -10.38 5.19
C SER A 290 -17.15 -11.72 5.13
N ALA A 291 -16.19 -11.93 6.03
CA ALA A 291 -15.37 -13.11 5.93
C ALA A 291 -16.13 -14.39 6.21
N VAL A 292 -15.68 -15.47 5.56
CA VAL A 292 -16.20 -16.80 5.80
C VAL A 292 -15.03 -17.76 5.57
N PRO A 293 -14.93 -18.83 6.38
CA PRO A 293 -13.81 -19.75 6.13
C PRO A 293 -13.93 -20.49 4.82
N MET A 294 -12.77 -20.73 4.21
CA MET A 294 -12.70 -21.43 2.96
C MET A 294 -11.87 -22.72 3.04
N THR A 295 -10.99 -22.79 4.04
CA THR A 295 -10.20 -24.00 4.26
C THR A 295 -10.36 -24.39 5.71
N PRO A 296 -10.24 -25.69 6.02
CA PRO A 296 -10.25 -26.06 7.43
C PRO A 296 -9.15 -25.36 8.23
N GLU A 297 -9.33 -25.27 9.54
CA GLU A 297 -8.36 -24.63 10.42
C GLU A 297 -7.03 -25.38 10.32
N ASP A 298 -5.93 -24.63 10.27
CA ASP A 298 -4.58 -25.21 10.07
C ASP A 298 -3.60 -24.77 11.16
N PRO A 299 -3.46 -25.60 12.22
CA PRO A 299 -2.64 -25.24 13.38
C PRO A 299 -1.14 -25.11 13.12
N SER A 300 -0.68 -25.59 11.97
CA SER A 300 0.72 -25.37 11.55
C SER A 300 1.00 -23.92 11.15
N PHE A 301 -0.05 -23.09 11.12
CA PHE A 301 0.13 -21.64 10.92
C PHE A 301 0.20 -20.90 12.27
N TRP A 302 0.42 -21.64 13.34
CA TRP A 302 0.68 -21.06 14.63
C TRP A 302 2.08 -21.46 15.04
N ASP A 303 2.76 -20.55 15.75
CA ASP A 303 4.11 -20.81 16.28
C ASP A 303 5.17 -21.08 15.21
N CYS A 304 4.97 -20.58 14.01
CA CYS A 304 5.90 -20.82 12.90
C CYS A 304 6.62 -19.57 12.42
N PHE A 305 6.37 -18.44 13.08
CA PHE A 305 6.97 -17.17 12.68
C PHE A 305 7.87 -16.62 13.77
N CYS A 306 8.92 -15.93 13.35
CA CYS A 306 9.78 -15.22 14.29
C CYS A 306 9.08 -13.93 14.70
N PHE A 307 9.52 -13.39 15.82
CA PHE A 307 9.07 -12.10 16.33
C PHE A 307 10.28 -11.22 16.57
N THR A 308 10.19 -9.95 16.23
CA THR A 308 11.35 -9.07 16.33
C THR A 308 11.77 -8.81 17.78
N GLU A 309 10.90 -9.12 18.75
CA GLU A 309 11.22 -8.97 20.18
C GLU A 309 12.27 -9.96 20.65
N GLU A 310 12.47 -11.03 19.89
CA GLU A 310 13.47 -12.03 20.29
C GLU A 310 14.88 -11.79 19.72
N ILE A 311 15.03 -10.71 18.95
CA ILE A 311 16.31 -10.34 18.34
C ILE A 311 16.62 -8.87 18.61
N PRO A 312 17.90 -8.50 18.55
CA PRO A 312 18.19 -7.08 18.60
C PRO A 312 17.99 -6.51 17.20
N ILE A 313 17.34 -5.35 17.12
CA ILE A 313 17.11 -4.67 15.84
C ILE A 313 18.35 -3.89 15.40
N ARG A 314 18.93 -4.34 14.29
CA ARG A 314 20.21 -3.83 13.80
C ARG A 314 20.27 -3.79 12.25
N ASN A 315 21.38 -3.23 11.74
CA ASN A 315 21.72 -3.03 10.29
C ASN A 315 20.66 -2.73 9.24
N GLY A 316 19.49 -3.34 9.34
CA GLY A 316 18.30 -2.91 8.60
C GLY A 316 17.25 -2.61 9.63
N THR A 317 16.19 -3.40 9.65
CA THR A 317 15.28 -3.43 10.78
C THR A 317 15.31 -4.86 11.33
N LYS A 318 16.46 -5.53 11.14
CA LYS A 318 16.62 -6.92 11.54
C LYS A 318 18.11 -7.29 11.57
BR BR B . -7.15 -14.25 -0.91
BR BR C . 7.48 -9.45 14.28
BR BR D . -15.59 3.08 2.13
BR BR E . -13.23 11.76 3.34
BR BR F . -13.82 -25.03 5.98
BR BR G . 4.41 -2.18 -1.05
BR BR H . 1.58 -3.29 -7.14
BR BR I . -7.25 -4.53 15.01
BR BR J . -2.50 -4.90 -5.66
#